data_4LQC
#
_entry.id   4LQC
#
_cell.length_a   67.450
_cell.length_b   67.300
_cell.length_c   60.310
_cell.angle_alpha   90.00
_cell.angle_beta   90.00
_cell.angle_gamma   90.00
#
_symmetry.space_group_name_H-M   'P 21 21 21'
#
loop_
_entity.id
_entity.type
_entity.pdbx_description
1 polymer TcpB
2 water water
#
_entity_poly.entity_id   1
_entity_poly.type   'polypeptide(L)'
_entity_poly.pdbx_seq_one_letter_code
;MEAEEEYDFFIAHAIEDKEAFVQDLVAALRDLGAKIFYDAYTLKVGDSLRRKIDQGLANSKFGIVVLSEHFFSKQWPARE
LDGLTAMEIGGQTRILPIWHKVSYDEVRRFSPSLADKVALNTSLKSVEEIAKELHSLISAWSHPQFEK
;
_entity_poly.pdbx_strand_id   A,B
#
# COMPACT_ATOMS: atom_id res chain seq x y z
N GLU A 6 2.31 -12.56 29.42
CA GLU A 6 0.95 -12.32 29.91
C GLU A 6 0.01 -11.82 28.80
N TYR A 7 0.59 -11.19 27.79
CA TYR A 7 -0.21 -10.74 26.64
C TYR A 7 0.37 -11.31 25.37
N ASP A 8 -0.46 -11.46 24.34
CA ASP A 8 0.04 -12.01 23.07
C ASP A 8 0.69 -10.92 22.22
N PHE A 9 0.03 -9.76 22.09
CA PHE A 9 0.53 -8.66 21.25
C PHE A 9 0.27 -7.30 21.87
N PHE A 10 1.16 -6.37 21.57
CA PHE A 10 0.83 -4.96 21.72
C PHE A 10 1.02 -4.32 20.34
N ILE A 11 0.31 -3.22 20.08
CA ILE A 11 0.36 -2.62 18.76
C ILE A 11 0.85 -1.21 18.83
N ALA A 12 2.05 -0.99 18.35
CA ALA A 12 2.61 0.34 18.31
C ALA A 12 2.16 0.98 17.01
N HIS A 13 1.73 2.24 17.10
CA HIS A 13 1.11 2.90 15.98
C HIS A 13 1.16 4.41 16.17
N ALA A 14 1.00 5.14 15.07
CA ALA A 14 0.76 6.56 15.13
C ALA A 14 -0.70 6.75 15.43
N ILE A 15 -1.02 7.88 16.05
CA ILE A 15 -2.39 8.24 16.40
C ILE A 15 -3.33 8.20 15.19
N GLU A 16 -2.82 8.61 14.04
CA GLU A 16 -3.64 8.65 12.83
C GLU A 16 -4.22 7.27 12.46
N ASP A 17 -3.49 6.20 12.77
CA ASP A 17 -3.96 4.86 12.41
C ASP A 17 -4.87 4.24 13.47
N LYS A 18 -4.98 4.86 14.63
CA LYS A 18 -5.53 4.23 15.83
C LYS A 18 -6.98 3.75 15.69
N GLU A 19 -7.84 4.63 15.19
CA GLU A 19 -9.26 4.34 15.01
C GLU A 19 -9.54 3.68 13.66
N ALA A 20 -8.49 3.45 12.87
CA ALA A 20 -8.62 2.85 11.54
C ALA A 20 -8.00 1.47 11.55
N PHE A 21 -6.88 1.31 10.85
CA PHE A 21 -6.27 -0.02 10.78
C PHE A 21 -6.04 -0.68 12.14
N VAL A 22 -5.60 0.09 13.13
CA VAL A 22 -5.33 -0.48 14.45
C VAL A 22 -6.58 -1.15 15.03
N GLN A 23 -7.71 -0.44 14.93
CA GLN A 23 -9.01 -0.92 15.39
C GLN A 23 -9.41 -2.22 14.71
N ASP A 24 -9.21 -2.29 13.40
CA ASP A 24 -9.56 -3.45 12.62
C ASP A 24 -8.72 -4.65 13.00
N LEU A 25 -7.42 -4.43 13.13
CA LEU A 25 -6.51 -5.53 13.49
C LEU A 25 -6.83 -6.08 14.88
N VAL A 26 -7.03 -5.18 15.85
CA VAL A 26 -7.30 -5.55 17.23
C VAL A 26 -8.57 -6.39 17.29
N ALA A 27 -9.62 -5.88 16.67
CA ALA A 27 -10.93 -6.53 16.66
C ALA A 27 -10.83 -7.94 16.08
N ALA A 28 -10.15 -8.04 14.94
CA ALA A 28 -9.90 -9.32 14.29
C ALA A 28 -9.12 -10.30 15.18
N LEU A 29 -8.06 -9.82 15.85
CA LEU A 29 -7.23 -10.68 16.70
C LEU A 29 -7.94 -11.13 17.97
N ARG A 30 -8.70 -10.22 18.59
CA ARG A 30 -9.54 -10.58 19.73
C ARG A 30 -10.59 -11.64 19.37
N ASP A 31 -11.14 -11.53 18.17
CA ASP A 31 -12.11 -12.50 17.66
C ASP A 31 -11.56 -13.92 17.66
N LEU A 32 -10.25 -14.03 17.42
CA LEU A 32 -9.56 -15.32 17.38
C LEU A 32 -9.12 -15.76 18.78
N GLY A 33 -9.38 -14.93 19.79
CA GLY A 33 -9.03 -15.26 21.15
C GLY A 33 -7.67 -14.78 21.65
N ALA A 34 -7.00 -13.93 20.87
CA ALA A 34 -5.70 -13.39 21.27
C ALA A 34 -5.86 -12.25 22.29
N LYS A 35 -4.80 -11.98 23.05
CA LYS A 35 -4.87 -10.94 24.06
C LYS A 35 -3.98 -9.79 23.65
N ILE A 36 -4.58 -8.61 23.51
CA ILE A 36 -3.94 -7.45 22.91
C ILE A 36 -4.25 -6.19 23.68
N PHE A 37 -3.24 -5.32 23.82
CA PHE A 37 -3.46 -3.94 24.23
C PHE A 37 -2.76 -3.02 23.25
N TYR A 38 -3.25 -1.79 23.14
CA TYR A 38 -2.71 -0.86 22.16
C TYR A 38 -2.87 0.56 22.64
N ASP A 39 -3.78 0.77 23.59
CA ASP A 39 -4.16 2.12 23.97
C ASP A 39 -3.00 2.95 24.51
N ALA A 40 -2.08 2.29 25.19
CA ALA A 40 -0.97 2.98 25.81
C ALA A 40 0.22 3.05 24.86
N TYR A 41 0.01 2.62 23.61
CA TYR A 41 1.14 2.47 22.71
C TYR A 41 1.03 3.28 21.43
N THR A 42 0.35 4.41 21.55
CA THR A 42 0.29 5.41 20.50
C THR A 42 1.59 6.18 20.54
N LEU A 43 2.31 6.23 19.41
CA LEU A 43 3.63 6.85 19.38
C LEU A 43 3.58 8.32 18.94
N LYS A 44 4.26 9.16 19.72
CA LYS A 44 4.48 10.57 19.38
C LYS A 44 5.97 10.81 19.06
N VAL A 45 6.40 12.06 19.00
CA VAL A 45 7.76 12.34 18.51
C VAL A 45 8.88 12.23 19.54
N GLY A 46 8.60 12.63 20.78
CA GLY A 46 9.62 12.54 21.81
C GLY A 46 10.11 11.12 21.99
N ASP A 47 9.15 10.19 21.96
CA ASP A 47 9.31 8.79 22.35
C ASP A 47 10.53 8.09 21.74
N SER A 48 11.17 7.23 22.55
CA SER A 48 12.30 6.42 22.10
C SER A 48 11.81 5.05 21.65
N LEU A 49 11.62 4.90 20.35
CA LEU A 49 11.04 3.71 19.74
C LEU A 49 11.50 2.40 20.37
N ARG A 50 12.80 2.29 20.67
CA ARG A 50 13.32 1.10 21.34
C ARG A 50 12.78 0.97 22.75
N ARG A 51 12.68 2.09 23.47
CA ARG A 51 12.16 2.06 24.82
C ARG A 51 10.71 1.61 24.84
N LYS A 52 9.86 2.28 24.06
CA LYS A 52 8.45 1.94 23.95
C LYS A 52 8.25 0.47 23.63
N ILE A 53 9.06 -0.05 22.70
CA ILE A 53 8.96 -1.45 22.30
C ILE A 53 9.37 -2.42 23.43
N ASP A 54 10.50 -2.15 24.08
CA ASP A 54 10.95 -2.99 25.20
C ASP A 54 9.95 -2.97 26.35
N GLN A 55 9.41 -1.78 26.62
CA GLN A 55 8.37 -1.60 27.62
C GLN A 55 7.16 -2.51 27.35
N GLY A 56 6.84 -2.71 26.08
CA GLY A 56 5.74 -3.56 25.69
C GLY A 56 6.10 -5.03 25.65
N LEU A 57 7.36 -5.31 25.32
CA LEU A 57 7.85 -6.69 25.25
C LEU A 57 8.01 -7.32 26.63
N ALA A 58 7.92 -6.50 27.67
CA ALA A 58 8.06 -7.00 29.03
C ALA A 58 6.73 -7.56 29.51
N ASN A 59 5.66 -7.08 28.89
CA ASN A 59 4.31 -7.42 29.30
C ASN A 59 3.55 -8.22 28.24
N SER A 60 4.24 -8.56 27.16
CA SER A 60 3.57 -9.11 25.99
C SER A 60 4.51 -9.99 25.19
N LYS A 61 4.03 -11.16 24.76
CA LYS A 61 4.86 -12.05 23.96
C LYS A 61 5.44 -11.38 22.71
N PHE A 62 4.58 -10.78 21.88
CA PHE A 62 5.03 -10.14 20.65
C PHE A 62 4.61 -8.68 20.59
N GLY A 63 5.20 -7.96 19.64
CA GLY A 63 4.89 -6.56 19.43
C GLY A 63 4.72 -6.27 17.97
N ILE A 64 3.66 -5.54 17.63
CA ILE A 64 3.37 -5.17 16.26
C ILE A 64 3.67 -3.68 16.08
N VAL A 65 4.31 -3.32 14.99
CA VAL A 65 4.51 -1.91 14.65
C VAL A 65 3.85 -1.62 13.31
N VAL A 66 2.89 -0.71 13.29
CA VAL A 66 2.18 -0.38 12.04
C VAL A 66 2.98 0.61 11.23
N LEU A 67 3.70 0.10 10.22
CA LEU A 67 4.54 0.94 9.38
C LEU A 67 3.72 1.61 8.29
N SER A 68 3.02 2.69 8.67
CA SER A 68 2.31 3.54 7.71
C SER A 68 3.04 4.85 7.46
N GLU A 69 2.47 5.68 6.59
CA GLU A 69 3.04 7.00 6.30
C GLU A 69 3.00 7.89 7.56
N HIS A 70 1.99 7.70 8.38
CA HIS A 70 1.85 8.46 9.62
C HIS A 70 2.83 8.02 10.70
N PHE A 71 3.29 6.77 10.63
CA PHE A 71 4.38 6.31 11.48
C PHE A 71 5.68 6.98 11.04
N PHE A 72 5.93 7.05 9.74
CA PHE A 72 7.21 7.59 9.26
C PHE A 72 7.27 9.09 9.41
N SER A 73 6.11 9.74 9.43
CA SER A 73 6.01 11.20 9.57
C SER A 73 6.38 11.71 10.96
N LYS A 74 6.64 10.80 11.90
CA LYS A 74 7.02 11.20 13.26
C LYS A 74 8.55 11.41 13.39
N GLN A 75 9.26 11.29 12.27
CA GLN A 75 10.68 11.64 12.20
C GLN A 75 11.54 10.85 13.16
N TRP A 76 11.39 9.52 13.14
CA TRP A 76 12.19 8.66 13.98
C TRP A 76 13.64 8.75 13.55
N PRO A 77 14.56 8.67 14.52
CA PRO A 77 16.00 8.57 14.29
C PRO A 77 16.32 7.37 13.43
N ALA A 78 17.18 7.56 12.44
CA ALA A 78 17.51 6.51 11.48
C ALA A 78 17.99 5.21 12.12
N ARG A 79 18.74 5.32 13.23
CA ARG A 79 19.31 4.15 13.90
C ARG A 79 18.22 3.24 14.49
N GLU A 80 17.20 3.88 15.06
CA GLU A 80 16.06 3.14 15.60
C GLU A 80 15.26 2.46 14.48
N LEU A 81 15.20 3.09 13.31
CA LEU A 81 14.53 2.49 12.17
C LEU A 81 15.32 1.33 11.59
N ASP A 82 16.64 1.49 11.47
CA ASP A 82 17.50 0.47 10.88
C ASP A 82 17.59 -0.78 11.76
N GLY A 83 17.46 -0.58 13.06
CA GLY A 83 17.48 -1.69 13.98
C GLY A 83 16.11 -1.95 14.56
N LEU A 84 15.08 -1.81 13.73
CA LEU A 84 13.73 -1.96 14.22
C LEU A 84 13.52 -3.39 14.67
N THR A 85 13.87 -4.35 13.81
CA THR A 85 13.75 -5.75 14.17
C THR A 85 15.07 -6.31 14.70
N THR A 93 11.80 -12.63 14.92
CA THR A 93 11.91 -12.78 16.38
C THR A 93 10.64 -12.27 17.08
N ARG A 94 10.72 -11.12 17.76
CA ARG A 94 9.60 -10.67 18.61
C ARG A 94 8.93 -9.35 18.25
N ILE A 95 9.55 -8.60 17.34
CA ILE A 95 8.96 -7.39 16.79
C ILE A 95 8.49 -7.63 15.35
N LEU A 96 7.22 -7.32 15.07
CA LEU A 96 6.63 -7.63 13.78
C LEU A 96 6.05 -6.38 13.12
N PRO A 97 6.82 -5.74 12.24
CA PRO A 97 6.23 -4.59 11.56
C PRO A 97 5.22 -5.04 10.53
N ILE A 98 4.20 -4.22 10.33
CA ILE A 98 3.26 -4.44 9.25
C ILE A 98 3.27 -3.21 8.37
N TRP A 99 3.58 -3.37 7.09
CA TRP A 99 3.50 -2.27 6.13
C TRP A 99 2.03 -1.94 5.89
N HIS A 100 1.68 -0.66 5.97
CA HIS A 100 0.30 -0.24 5.75
C HIS A 100 0.24 1.01 4.91
N LYS A 101 -0.24 0.86 3.67
CA LYS A 101 -0.45 2.00 2.78
C LYS A 101 0.80 2.83 2.52
N VAL A 102 1.92 2.14 2.30
CA VAL A 102 3.17 2.81 1.96
C VAL A 102 3.76 2.21 0.70
N SER A 103 4.66 2.92 0.05
CA SER A 103 5.37 2.34 -1.09
C SER A 103 6.77 1.93 -0.64
N TYR A 104 7.41 1.12 -1.47
CA TYR A 104 8.79 0.73 -1.23
C TYR A 104 9.72 1.93 -1.31
N ASP A 105 9.55 2.77 -2.32
CA ASP A 105 10.36 3.98 -2.48
C ASP A 105 10.22 4.86 -1.24
N GLU A 106 8.99 4.97 -0.75
CA GLU A 106 8.68 5.76 0.46
C GLU A 106 9.41 5.25 1.71
N VAL A 107 9.31 3.96 1.99
CA VAL A 107 9.97 3.39 3.18
C VAL A 107 11.47 3.53 3.03
N ARG A 108 11.95 3.32 1.82
CA ARG A 108 13.37 3.30 1.58
C ARG A 108 14.02 4.65 1.90
N ARG A 109 13.24 5.73 1.76
CA ARG A 109 13.74 7.08 2.05
C ARG A 109 13.98 7.30 3.54
N PHE A 110 13.44 6.43 4.38
CA PHE A 110 13.64 6.57 5.82
C PHE A 110 14.67 5.57 6.35
N SER A 111 14.66 4.38 5.73
CA SER A 111 15.54 3.30 6.13
C SER A 111 15.59 2.24 5.02
N PRO A 112 16.68 2.23 4.24
CA PRO A 112 16.87 1.22 3.18
C PRO A 112 16.85 -0.21 3.72
N SER A 113 17.26 -0.39 4.98
CA SER A 113 17.22 -1.71 5.59
C SER A 113 15.78 -2.16 5.84
N LEU A 114 15.03 -1.29 6.50
CA LEU A 114 13.63 -1.53 6.79
C LEU A 114 12.81 -1.85 5.55
N ALA A 115 13.15 -1.22 4.43
CA ALA A 115 12.38 -1.42 3.20
C ALA A 115 12.69 -2.75 2.54
N ASP A 116 13.88 -3.28 2.79
CA ASP A 116 14.30 -4.55 2.19
C ASP A 116 13.96 -5.77 3.06
N LYS A 117 13.57 -5.51 4.30
CA LYS A 117 13.22 -6.56 5.25
C LYS A 117 11.83 -7.11 4.94
N VAL A 118 11.73 -8.43 4.82
CA VAL A 118 10.43 -9.05 4.59
C VAL A 118 9.56 -8.84 5.82
N ALA A 119 8.33 -8.39 5.59
CA ALA A 119 7.42 -8.10 6.68
C ALA A 119 6.01 -8.26 6.19
N LEU A 120 5.06 -8.30 7.12
CA LEU A 120 3.64 -8.35 6.74
C LEU A 120 3.27 -7.07 6.01
N ASN A 121 2.23 -7.16 5.18
CA ASN A 121 1.91 -6.09 4.23
C ASN A 121 0.42 -6.13 3.97
N THR A 122 -0.31 -5.06 4.31
CA THR A 122 -1.77 -5.10 4.20
C THR A 122 -2.30 -5.04 2.76
N SER A 123 -1.44 -4.71 1.80
CA SER A 123 -1.85 -4.72 0.40
C SER A 123 -1.85 -6.13 -0.16
N LEU A 124 -1.35 -7.08 0.63
CA LEU A 124 -1.22 -8.47 0.20
C LEU A 124 -2.23 -9.42 0.87
N LYS A 125 -2.75 -9.00 2.02
CA LYS A 125 -3.57 -9.85 2.86
C LYS A 125 -4.64 -9.01 3.52
N SER A 126 -5.84 -9.57 3.64
CA SER A 126 -6.90 -8.89 4.35
C SER A 126 -6.52 -8.84 5.83
N VAL A 127 -7.17 -7.96 6.59
CA VAL A 127 -6.91 -7.92 8.03
C VAL A 127 -7.10 -9.30 8.67
N GLU A 128 -8.12 -10.02 8.25
CA GLU A 128 -8.44 -11.32 8.82
C GLU A 128 -7.38 -12.39 8.54
N GLU A 129 -6.78 -12.36 7.36
CA GLU A 129 -5.68 -13.28 7.06
C GLU A 129 -4.46 -12.92 7.86
N ILE A 130 -4.25 -11.62 8.05
CA ILE A 130 -3.12 -11.17 8.83
C ILE A 130 -3.29 -11.59 10.27
N ALA A 131 -4.49 -11.39 10.81
CA ALA A 131 -4.84 -11.85 12.15
C ALA A 131 -4.60 -13.35 12.33
N LYS A 132 -5.06 -14.16 11.37
CA LYS A 132 -4.84 -15.59 11.47
C LYS A 132 -3.37 -15.90 11.50
N GLU A 133 -2.60 -15.20 10.70
CA GLU A 133 -1.19 -15.50 10.64
C GLU A 133 -0.50 -15.15 11.96
N LEU A 134 -0.81 -13.98 12.50
CA LEU A 134 -0.25 -13.56 13.77
C LEU A 134 -0.69 -14.50 14.88
N HIS A 135 -1.95 -14.92 14.82
CA HIS A 135 -2.49 -15.79 15.85
C HIS A 135 -1.74 -17.13 15.91
N SER A 136 -1.35 -17.64 14.75
CA SER A 136 -0.68 -18.94 14.72
C SER A 136 0.69 -18.87 15.40
N LEU A 137 1.25 -17.66 15.53
CA LEU A 137 2.52 -17.46 16.24
C LEU A 137 2.45 -17.73 17.73
N ILE A 138 1.29 -17.46 18.33
CA ILE A 138 1.11 -17.66 19.76
C ILE A 138 1.38 -19.12 20.05
N SER A 139 0.72 -19.95 19.25
CA SER A 139 0.77 -21.41 19.41
C SER A 139 2.15 -21.98 19.04
N ALA A 140 3.09 -21.12 18.66
CA ALA A 140 4.43 -21.57 18.31
C ALA A 140 5.48 -21.05 19.30
N TRP A 141 5.02 -20.30 20.29
CA TRP A 141 5.89 -19.64 21.25
C TRP A 141 6.48 -20.64 22.25
N GLU B 6 0.25 6.14 -32.49
CA GLU B 6 -0.26 5.37 -31.35
C GLU B 6 0.76 5.24 -30.23
N TYR B 7 0.37 5.65 -29.03
CA TYR B 7 1.26 5.59 -27.87
C TYR B 7 1.32 4.22 -27.22
N ASP B 8 2.26 4.05 -26.30
CA ASP B 8 2.37 2.81 -25.53
C ASP B 8 1.42 2.78 -24.32
N PHE B 9 1.35 3.88 -23.58
CA PHE B 9 0.51 3.92 -22.38
C PHE B 9 -0.24 5.23 -22.24
N PHE B 10 -1.42 5.20 -21.64
CA PHE B 10 -1.96 6.39 -20.99
C PHE B 10 -2.02 6.03 -19.52
N ILE B 11 -1.92 7.04 -18.65
CA ILE B 11 -1.99 6.77 -17.21
C ILE B 11 -3.07 7.58 -16.50
N ALA B 12 -4.16 6.89 -16.19
CA ALA B 12 -5.30 7.46 -15.48
C ALA B 12 -5.01 7.50 -13.98
N HIS B 13 -5.29 8.63 -13.35
CA HIS B 13 -4.90 8.82 -11.96
C HIS B 13 -5.74 9.91 -11.34
N ALA B 14 -5.87 9.87 -10.02
CA ALA B 14 -6.49 10.98 -9.30
C ALA B 14 -5.53 12.16 -9.31
N ILE B 15 -6.05 13.37 -9.29
CA ILE B 15 -5.17 14.53 -9.33
C ILE B 15 -4.21 14.55 -8.14
N GLU B 16 -4.66 14.07 -6.99
CA GLU B 16 -3.87 14.11 -5.77
C GLU B 16 -2.57 13.34 -5.92
N ASP B 17 -2.58 12.39 -6.85
CA ASP B 17 -1.41 11.54 -7.14
C ASP B 17 -0.55 12.12 -8.25
N LYS B 18 -1.05 13.15 -8.92
CA LYS B 18 -0.50 13.61 -10.20
C LYS B 18 0.95 14.05 -10.12
N GLU B 19 1.30 14.79 -9.07
CA GLU B 19 2.66 15.33 -9.02
C GLU B 19 3.57 14.53 -8.11
N ALA B 20 3.05 13.41 -7.59
CA ALA B 20 3.86 12.51 -6.80
C ALA B 20 4.23 11.26 -7.61
N PHE B 21 3.67 10.11 -7.23
CA PHE B 21 3.98 8.84 -7.90
C PHE B 21 3.78 8.86 -9.42
N VAL B 22 2.68 9.47 -9.89
CA VAL B 22 2.43 9.48 -11.33
C VAL B 22 3.57 10.18 -12.10
N GLN B 23 4.02 11.33 -11.63
CA GLN B 23 5.10 12.02 -12.36
C GLN B 23 6.40 11.20 -12.33
N ASP B 24 6.72 10.65 -11.16
CA ASP B 24 7.80 9.67 -11.04
C ASP B 24 7.74 8.60 -12.13
N LEU B 25 6.58 7.93 -12.24
CA LEU B 25 6.40 6.82 -13.18
C LEU B 25 6.38 7.28 -14.64
N VAL B 26 5.85 8.48 -14.89
CA VAL B 26 5.90 9.04 -16.24
C VAL B 26 7.34 9.33 -16.66
N ALA B 27 8.13 9.90 -15.75
CA ALA B 27 9.53 10.23 -16.05
C ALA B 27 10.39 8.98 -16.27
N ALA B 28 10.14 7.94 -15.49
CA ALA B 28 10.92 6.71 -15.60
C ALA B 28 10.60 5.97 -16.88
N LEU B 29 9.32 6.03 -17.29
CA LEU B 29 8.88 5.29 -18.45
C LEU B 29 9.35 6.01 -19.71
N ARG B 30 9.30 7.35 -19.70
CA ARG B 30 9.80 8.16 -20.79
C ARG B 30 11.30 8.02 -20.92
N ASP B 31 11.97 7.79 -19.80
CA ASP B 31 13.42 7.66 -19.80
C ASP B 31 13.85 6.35 -20.48
N LEU B 32 12.94 5.37 -20.50
CA LEU B 32 13.21 4.08 -21.14
C LEU B 32 12.77 4.17 -22.59
N GLY B 33 12.17 5.30 -22.96
CA GLY B 33 11.77 5.53 -24.34
C GLY B 33 10.32 5.21 -24.67
N ALA B 34 9.51 4.93 -23.67
CA ALA B 34 8.10 4.69 -23.88
C ALA B 34 7.32 5.97 -24.15
N LYS B 35 6.33 5.91 -25.02
CA LYS B 35 5.44 7.06 -25.21
C LYS B 35 4.21 6.95 -24.29
N ILE B 36 4.00 7.97 -23.46
CA ILE B 36 2.93 7.95 -22.44
C ILE B 36 2.10 9.21 -22.42
N PHE B 37 0.78 9.03 -22.51
CA PHE B 37 -0.18 10.10 -22.28
C PHE B 37 -0.43 10.24 -20.78
N TYR B 38 -0.51 11.46 -20.31
CA TYR B 38 -0.53 11.72 -18.88
C TYR B 38 -1.46 12.88 -18.52
N ASP B 39 -1.17 14.07 -19.04
CA ASP B 39 -1.88 15.29 -18.64
C ASP B 39 -3.40 15.26 -18.80
N ALA B 40 -3.90 14.62 -19.86
CA ALA B 40 -5.33 14.62 -20.17
C ALA B 40 -6.08 13.49 -19.47
N TYR B 41 -5.36 12.73 -18.65
CA TYR B 41 -5.96 11.58 -17.99
C TYR B 41 -6.03 11.74 -16.50
N THR B 42 -6.05 12.98 -16.04
CA THR B 42 -6.33 13.23 -14.64
C THR B 42 -7.82 13.05 -14.41
N LEU B 43 -8.16 12.27 -13.39
CA LEU B 43 -9.56 11.98 -13.11
C LEU B 43 -10.02 12.87 -11.97
N LYS B 44 -11.16 13.53 -12.19
CA LYS B 44 -11.71 14.43 -11.19
C LYS B 44 -13.11 13.95 -10.87
N VAL B 45 -13.62 14.35 -9.71
CA VAL B 45 -15.03 14.10 -9.38
C VAL B 45 -15.93 14.60 -10.51
N GLY B 46 -16.81 13.73 -10.99
CA GLY B 46 -17.71 14.09 -12.07
C GLY B 46 -17.37 13.47 -13.42
N ASP B 47 -16.11 13.09 -13.62
CA ASP B 47 -15.70 12.49 -14.91
C ASP B 47 -16.36 11.13 -15.13
N SER B 48 -16.21 10.60 -16.33
CA SER B 48 -16.61 9.24 -16.60
C SER B 48 -15.37 8.36 -16.74
N LEU B 49 -15.19 7.44 -15.79
CA LEU B 49 -14.05 6.52 -15.81
C LEU B 49 -14.05 5.69 -17.10
N ARG B 50 -15.22 5.16 -17.44
CA ARG B 50 -15.37 4.26 -18.59
C ARG B 50 -15.00 4.98 -19.87
N ARG B 51 -15.49 6.22 -20.00
CA ARG B 51 -15.24 7.02 -21.18
C ARG B 51 -13.79 7.46 -21.25
N LYS B 52 -13.23 7.81 -20.10
CA LYS B 52 -11.82 8.19 -20.03
C LYS B 52 -10.92 7.01 -20.40
N ILE B 53 -11.25 5.82 -19.90
CA ILE B 53 -10.54 4.60 -20.27
C ILE B 53 -10.67 4.31 -21.78
N ASP B 54 -11.89 4.36 -22.29
CA ASP B 54 -12.15 4.20 -23.72
C ASP B 54 -11.28 5.13 -24.55
N GLN B 55 -11.33 6.42 -24.20
CA GLN B 55 -10.56 7.43 -24.91
C GLN B 55 -9.07 7.09 -24.94
N GLY B 56 -8.51 6.73 -23.79
CA GLY B 56 -7.12 6.36 -23.72
C GLY B 56 -6.74 5.15 -24.56
N LEU B 57 -7.58 4.12 -24.53
CA LEU B 57 -7.30 2.89 -25.27
C LEU B 57 -7.41 3.09 -26.78
N ALA B 58 -8.13 4.12 -27.18
CA ALA B 58 -8.32 4.42 -28.60
C ALA B 58 -7.10 5.14 -29.14
N ASN B 59 -6.18 5.48 -28.26
CA ASN B 59 -4.94 6.15 -28.66
C ASN B 59 -3.67 5.49 -28.11
N SER B 60 -3.82 4.42 -27.34
CA SER B 60 -2.67 3.79 -26.71
C SER B 60 -2.77 2.27 -26.72
N LYS B 61 -1.62 1.59 -26.65
CA LYS B 61 -1.63 0.13 -26.56
C LYS B 61 -2.20 -0.31 -25.23
N PHE B 62 -1.74 0.32 -24.15
CA PHE B 62 -2.12 -0.09 -22.80
C PHE B 62 -2.64 1.03 -21.92
N GLY B 63 -3.42 0.66 -20.90
CA GLY B 63 -3.90 1.60 -19.92
C GLY B 63 -3.38 1.28 -18.53
N ILE B 64 -2.80 2.30 -17.89
CA ILE B 64 -2.39 2.20 -16.51
C ILE B 64 -3.39 2.97 -15.67
N VAL B 65 -3.88 2.35 -14.62
CA VAL B 65 -4.76 3.02 -13.68
C VAL B 65 -4.09 2.96 -12.31
N VAL B 66 -3.77 4.12 -11.76
CA VAL B 66 -3.16 4.19 -10.45
C VAL B 66 -4.24 4.06 -9.37
N LEU B 67 -4.34 2.85 -8.81
CA LEU B 67 -5.32 2.53 -7.77
C LEU B 67 -4.88 2.97 -6.38
N SER B 68 -5.30 4.17 -5.98
CA SER B 68 -4.91 4.70 -4.69
C SER B 68 -6.12 5.15 -3.94
N GLU B 69 -5.91 5.57 -2.70
CA GLU B 69 -6.99 6.09 -1.87
C GLU B 69 -7.71 7.25 -2.57
N HIS B 70 -6.94 8.14 -3.19
CA HIS B 70 -7.54 9.29 -3.88
C HIS B 70 -8.28 8.87 -5.14
N PHE B 71 -7.88 7.73 -5.69
CA PHE B 71 -8.62 7.20 -6.83
C PHE B 71 -10.00 6.77 -6.36
N PHE B 72 -10.05 5.84 -5.41
CA PHE B 72 -11.35 5.31 -4.98
C PHE B 72 -12.22 6.38 -4.31
N SER B 73 -11.60 7.39 -3.72
CA SER B 73 -12.37 8.44 -3.03
C SER B 73 -13.27 9.21 -3.97
N LYS B 74 -12.99 9.14 -5.28
CA LYS B 74 -13.80 9.82 -6.27
C LYS B 74 -15.18 9.15 -6.38
N GLN B 75 -15.34 8.01 -5.72
CA GLN B 75 -16.62 7.30 -5.69
C GLN B 75 -17.10 6.94 -7.10
N TRP B 76 -16.32 6.11 -7.80
CA TRP B 76 -16.67 5.68 -9.15
C TRP B 76 -17.81 4.68 -9.10
N PRO B 77 -18.56 4.53 -10.20
CA PRO B 77 -19.62 3.52 -10.17
C PRO B 77 -19.00 2.14 -10.00
N ALA B 78 -19.71 1.21 -9.38
CA ALA B 78 -19.14 -0.09 -9.03
C ALA B 78 -18.80 -0.88 -10.28
N ARG B 79 -19.67 -0.80 -11.29
CA ARG B 79 -19.54 -1.60 -12.50
C ARG B 79 -18.41 -1.12 -13.39
N GLU B 80 -18.09 0.15 -13.29
CA GLU B 80 -16.98 0.72 -14.03
C GLU B 80 -15.65 0.33 -13.37
N LEU B 81 -15.65 0.10 -12.06
CA LEU B 81 -14.46 -0.45 -11.39
C LEU B 81 -14.28 -1.92 -11.76
N ASP B 82 -15.36 -2.67 -11.64
CA ASP B 82 -15.37 -4.07 -12.03
C ASP B 82 -15.01 -4.21 -13.51
N GLY B 83 -15.35 -3.20 -14.31
CA GLY B 83 -15.09 -3.19 -15.74
C GLY B 83 -13.61 -3.11 -16.10
N LEU B 84 -12.83 -2.49 -15.23
CA LEU B 84 -11.39 -2.38 -15.42
C LEU B 84 -10.74 -3.77 -15.52
N THR B 85 -11.43 -4.78 -15.00
CA THR B 85 -10.91 -6.15 -14.95
C THR B 85 -11.28 -6.98 -16.19
N ALA B 86 -12.11 -6.41 -17.07
CA ALA B 86 -12.62 -7.18 -18.19
C ALA B 86 -11.60 -7.37 -19.33
N MET B 87 -11.48 -8.60 -19.81
CA MET B 87 -10.65 -8.93 -20.96
C MET B 87 -11.29 -8.49 -22.27
N GLU B 88 -10.50 -8.54 -23.35
CA GLU B 88 -10.97 -8.17 -24.68
C GLU B 88 -11.35 -9.42 -25.48
N THR B 93 -6.02 -8.45 -21.49
CA THR B 93 -6.33 -7.14 -20.91
C THR B 93 -5.40 -6.02 -21.40
N ARG B 94 -5.99 -4.85 -21.62
CA ARG B 94 -5.20 -3.70 -21.97
C ARG B 94 -5.15 -2.73 -20.79
N ILE B 95 -5.79 -3.11 -19.69
CA ILE B 95 -5.78 -2.29 -18.48
C ILE B 95 -4.86 -2.90 -17.41
N LEU B 96 -3.89 -2.12 -16.96
CA LEU B 96 -2.91 -2.57 -15.96
C LEU B 96 -3.03 -1.68 -14.74
N PRO B 97 -3.74 -2.14 -13.72
CA PRO B 97 -3.84 -1.43 -12.45
C PRO B 97 -2.52 -1.41 -11.75
N ILE B 98 -2.24 -0.33 -11.02
CA ILE B 98 -1.13 -0.33 -10.08
C ILE B 98 -1.66 0.07 -8.73
N TRP B 99 -1.46 -0.79 -7.74
CA TRP B 99 -1.92 -0.52 -6.38
C TRP B 99 -0.92 0.43 -5.74
N HIS B 100 -1.41 1.55 -5.21
CA HIS B 100 -0.50 2.51 -4.58
C HIS B 100 -1.02 3.01 -3.23
N LYS B 101 -0.34 2.60 -2.17
CA LYS B 101 -0.70 3.03 -0.82
C LYS B 101 -2.15 2.69 -0.45
N VAL B 102 -2.64 1.55 -0.95
CA VAL B 102 -3.92 1.00 -0.49
C VAL B 102 -3.72 -0.35 0.16
N SER B 103 -4.69 -0.76 0.96
CA SER B 103 -4.70 -2.11 1.49
C SER B 103 -5.63 -2.99 0.64
N TYR B 104 -5.48 -4.30 0.79
CA TYR B 104 -6.39 -5.22 0.12
C TYR B 104 -7.84 -4.94 0.54
N ASP B 105 -8.08 -4.77 1.84
CA ASP B 105 -9.44 -4.58 2.33
C ASP B 105 -10.04 -3.32 1.74
N GLU B 106 -9.20 -2.31 1.57
CA GLU B 106 -9.66 -1.02 1.10
C GLU B 106 -10.11 -1.15 -0.35
N VAL B 107 -9.42 -2.00 -1.12
CA VAL B 107 -9.77 -2.17 -2.53
C VAL B 107 -11.01 -3.06 -2.67
N ARG B 108 -11.10 -4.08 -1.82
CA ARG B 108 -12.25 -5.00 -1.84
C ARG B 108 -13.51 -4.26 -1.43
N ARG B 109 -13.36 -3.24 -0.59
CA ARG B 109 -14.51 -2.43 -0.20
C ARG B 109 -15.11 -1.73 -1.40
N PHE B 110 -14.30 -1.43 -2.42
CA PHE B 110 -14.82 -0.78 -3.62
C PHE B 110 -15.09 -1.77 -4.76
N SER B 111 -14.24 -2.79 -4.89
CA SER B 111 -14.43 -3.79 -5.93
C SER B 111 -13.67 -5.08 -5.64
N PRO B 112 -14.40 -6.12 -5.21
CA PRO B 112 -13.83 -7.46 -4.98
C PRO B 112 -13.09 -8.01 -6.19
N SER B 113 -13.62 -7.80 -7.40
CA SER B 113 -12.95 -8.30 -8.60
C SER B 113 -11.60 -7.62 -8.83
N LEU B 114 -11.54 -6.32 -8.58
CA LEU B 114 -10.29 -5.59 -8.68
C LEU B 114 -9.30 -6.04 -7.59
N ALA B 115 -9.82 -6.40 -6.42
CA ALA B 115 -8.99 -6.76 -5.27
C ALA B 115 -8.33 -8.12 -5.44
N ASP B 116 -8.91 -8.94 -6.32
CA ASP B 116 -8.39 -10.26 -6.57
C ASP B 116 -7.60 -10.35 -7.87
N LYS B 117 -7.79 -9.34 -8.73
CA LYS B 117 -7.02 -9.23 -9.95
C LYS B 117 -5.58 -8.84 -9.66
N VAL B 118 -4.65 -9.74 -10.00
CA VAL B 118 -3.24 -9.53 -9.75
C VAL B 118 -2.75 -8.31 -10.51
N ALA B 119 -1.99 -7.46 -9.83
CA ALA B 119 -1.52 -6.22 -10.41
C ALA B 119 -0.20 -5.77 -9.81
N LEU B 120 0.39 -4.75 -10.40
CA LEU B 120 1.60 -4.16 -9.88
C LEU B 120 1.26 -3.45 -8.57
N ASN B 121 2.25 -3.33 -7.70
CA ASN B 121 2.05 -2.83 -6.34
C ASN B 121 3.34 -2.08 -5.97
N THR B 122 3.21 -0.80 -5.64
CA THR B 122 4.38 0.03 -5.35
C THR B 122 5.08 -0.31 -4.03
N SER B 123 4.44 -1.11 -3.20
CA SER B 123 5.06 -1.50 -1.94
C SER B 123 5.98 -2.70 -2.14
N LEU B 124 5.88 -3.35 -3.29
CA LEU B 124 6.71 -4.52 -3.61
C LEU B 124 7.83 -4.20 -4.60
N LYS B 125 7.67 -3.11 -5.34
CA LYS B 125 8.71 -2.68 -6.28
C LYS B 125 8.91 -1.18 -6.29
N SER B 126 10.07 -0.75 -6.76
CA SER B 126 10.39 0.65 -6.85
C SER B 126 9.77 1.18 -8.14
N VAL B 127 9.66 2.50 -8.25
CA VAL B 127 9.16 3.09 -9.47
C VAL B 127 9.99 2.67 -10.69
N GLU B 128 11.32 2.61 -10.57
CA GLU B 128 12.16 2.11 -11.65
C GLU B 128 11.83 0.66 -12.03
N GLU B 129 11.68 -0.22 -11.05
CA GLU B 129 11.40 -1.63 -11.35
C GLU B 129 10.06 -1.77 -12.07
N ILE B 130 9.10 -0.93 -11.69
CA ILE B 130 7.77 -0.96 -12.30
C ILE B 130 7.83 -0.43 -13.73
N ALA B 131 8.65 0.59 -13.93
CA ALA B 131 8.87 1.15 -15.25
C ALA B 131 9.39 0.06 -16.19
N LYS B 132 10.43 -0.66 -15.75
CA LYS B 132 11.04 -1.72 -16.55
C LYS B 132 10.02 -2.78 -16.96
N GLU B 133 9.22 -3.22 -16.00
CA GLU B 133 8.22 -4.25 -16.24
C GLU B 133 7.16 -3.80 -17.22
N LEU B 134 6.68 -2.58 -17.05
CA LEU B 134 5.69 -2.03 -17.97
C LEU B 134 6.33 -1.90 -19.34
N HIS B 135 7.57 -1.42 -19.38
CA HIS B 135 8.30 -1.24 -20.63
C HIS B 135 8.43 -2.54 -21.42
N SER B 136 8.59 -3.65 -20.72
CA SER B 136 8.66 -4.96 -21.36
C SER B 136 7.44 -5.30 -22.22
N LEU B 137 6.27 -4.79 -21.85
CA LEU B 137 5.04 -5.05 -22.60
C LEU B 137 5.01 -4.39 -23.97
N ILE B 138 5.81 -3.34 -24.15
CA ILE B 138 5.72 -2.55 -25.38
C ILE B 138 6.99 -2.56 -26.22
N SER B 139 7.97 -3.35 -25.79
CA SER B 139 9.28 -3.38 -26.44
C SER B 139 9.57 -4.74 -27.04
N ALA B 140 10.36 -4.73 -28.12
CA ALA B 140 10.74 -5.96 -28.79
C ALA B 140 11.74 -6.79 -27.97
N TRP B 141 12.38 -6.18 -26.97
CA TRP B 141 13.29 -6.91 -26.08
C TRP B 141 13.60 -6.16 -24.80
#